data_6D85
#
_entry.id   6D85
#
_cell.length_a   85.474
_cell.length_b   91.647
_cell.length_c   93.556
_cell.angle_alpha   90.00
_cell.angle_beta   90.00
_cell.angle_gamma   90.00
#
_symmetry.space_group_name_H-M   'P 21 21 21'
#
loop_
_entity.id
_entity.type
_entity.pdbx_description
1 polymer 'Phosphatidylinositol 3-kinase regulatory subunit alpha'
2 non-polymer 'SULFATE ION'
3 water water
#
_entity_poly.entity_id   1
_entity_poly.type   'polypeptide(L)'
_entity_poly.pdbx_seq_one_letter_code
;QQASTLPDLAEQFAPPDVAPPLLIKLVEAIEKKGLE(CSO)STLYRTQSSSNPAELRQLLDCDTASLDLEMFDVHVLADA
FKRYLLDLPNPVIPVAVSSELISLAPEVQSSKEYIQLLKKLIRSPSIPHQYWLTLQYLLKHFFKLSQTSSKNLLNARVLS
ELFSPLLFRFPAASSENTEHLIKIIEILISTEWNERQ
;
_entity_poly.pdbx_strand_id   B,A
#
loop_
_chem_comp.id
_chem_comp.type
_chem_comp.name
_chem_comp.formula
SO4 non-polymer 'SULFATE ION' 'O4 S -2'
#
# COMPACT_ATOMS: atom_id res chain seq x y z
N SER A 4 -9.04 16.78 2.86
CA SER A 4 -7.81 16.00 2.87
C SER A 4 -7.97 14.72 2.03
N THR A 5 -7.82 14.87 0.71
CA THR A 5 -7.84 13.76 -0.22
C THR A 5 -6.46 13.11 -0.41
N LEU A 6 -5.48 13.48 0.40
CA LEU A 6 -4.12 12.98 0.20
C LEU A 6 -4.07 11.46 0.34
N PRO A 7 -3.60 10.73 -0.67
CA PRO A 7 -3.57 9.27 -0.57
C PRO A 7 -2.55 8.77 0.44
N ASP A 8 -2.74 7.52 0.85
CA ASP A 8 -1.77 6.84 1.69
C ASP A 8 -0.41 6.82 1.02
N LEU A 9 0.65 6.84 1.84
CA LEU A 9 2.00 6.74 1.29
C LEU A 9 2.12 5.54 0.36
N ALA A 10 1.54 4.41 0.75
CA ALA A 10 1.64 3.20 -0.06
C ALA A 10 0.88 3.30 -1.36
N GLU A 11 -0.01 4.28 -1.50
CA GLU A 11 -0.77 4.49 -2.73
C GLU A 11 -0.17 5.57 -3.62
N GLN A 12 0.79 6.34 -3.11
CA GLN A 12 1.41 7.41 -3.86
C GLN A 12 2.56 6.95 -4.74
N PHE A 13 3.16 5.81 -4.43
CA PHE A 13 4.24 5.25 -5.23
C PHE A 13 4.46 3.83 -4.77
N ALA A 14 5.28 3.11 -5.52
CA ALA A 14 5.66 1.74 -5.19
C ALA A 14 7.06 1.51 -5.72
N PRO A 15 7.81 0.58 -5.13
CA PRO A 15 9.10 0.20 -5.71
C PRO A 15 8.95 -0.08 -7.20
N PRO A 16 9.96 0.25 -8.02
CA PRO A 16 11.32 0.70 -7.65
C PRO A 16 11.45 2.20 -7.33
N ASP A 17 10.38 2.97 -7.45
CA ASP A 17 10.45 4.36 -7.02
C ASP A 17 10.80 4.44 -5.55
N VAL A 18 11.52 5.50 -5.17
CA VAL A 18 12.12 5.58 -3.84
C VAL A 18 11.36 6.50 -2.89
N ALA A 19 10.42 7.30 -3.38
CA ALA A 19 9.67 8.21 -2.54
C ALA A 19 8.48 8.74 -3.35
N PRO A 20 7.48 9.28 -2.67
CA PRO A 20 6.32 9.83 -3.40
C PRO A 20 6.75 10.94 -4.34
N PRO A 21 6.22 10.95 -5.57
CA PRO A 21 6.66 11.99 -6.52
C PRO A 21 6.36 13.41 -6.05
N LEU A 22 5.25 13.62 -5.34
CA LEU A 22 4.95 14.96 -4.85
C LEU A 22 5.95 15.38 -3.77
N LEU A 23 6.33 14.45 -2.90
CA LEU A 23 7.31 14.79 -1.87
C LEU A 23 8.67 15.10 -2.49
N ILE A 24 9.03 14.42 -3.58
CA ILE A 24 10.28 14.73 -4.27
C ILE A 24 10.25 16.15 -4.81
N LYS A 25 9.13 16.53 -5.44
CA LYS A 25 9.01 17.88 -5.98
C LYS A 25 9.15 18.93 -4.88
N LEU A 26 8.45 18.73 -3.76
CA LEU A 26 8.57 19.65 -2.63
C LEU A 26 10.00 19.74 -2.14
N VAL A 27 10.62 18.59 -1.85
CA VAL A 27 11.95 18.58 -1.26
C VAL A 27 12.95 19.26 -2.20
N GLU A 28 12.91 18.91 -3.48
CA GLU A 28 13.89 19.46 -4.42
C GLU A 28 13.70 20.96 -4.60
N ALA A 29 12.46 21.42 -4.65
CA ALA A 29 12.20 22.86 -4.75
C ALA A 29 12.68 23.58 -3.49
N ILE A 30 12.39 23.01 -2.31
CA ILE A 30 12.78 23.66 -1.07
C ILE A 30 14.30 23.74 -0.95
N GLU A 31 14.98 22.65 -1.29
CA GLU A 31 16.44 22.65 -1.20
C GLU A 31 17.06 23.63 -2.18
N LYS A 32 16.44 23.83 -3.35
CA LYS A 32 16.97 24.76 -4.33
C LYS A 32 16.83 26.20 -3.84
N LYS A 33 15.72 26.52 -3.17
CA LYS A 33 15.39 27.91 -2.86
C LYS A 33 15.66 28.30 -1.42
N GLY A 34 15.75 27.35 -0.49
CA GLY A 34 15.79 27.69 0.92
C GLY A 34 16.89 27.05 1.73
N LEU A 35 17.87 26.44 1.04
CA LEU A 35 18.92 25.72 1.75
C LEU A 35 19.64 26.61 2.76
N GLU A 36 19.69 27.92 2.51
CA GLU A 36 20.44 28.83 3.38
C GLU A 36 19.53 29.80 4.13
N CSO A 37 18.23 29.56 4.10
CA CSO A 37 17.29 30.48 4.73
CB CSO A 37 15.90 30.31 4.12
SG CSO A 37 14.65 31.17 5.09
C CSO A 37 17.26 30.25 6.24
O CSO A 37 16.95 29.14 6.71
OD CSO A 37 14.13 32.66 4.26
H CSO A 37 17.87 28.87 3.73
HA CSO A 37 17.56 31.40 4.58
HB2 CSO A 37 15.66 29.36 4.10
HB3 CSO A 37 15.89 30.67 3.22
HD CSO A 37 14.27 33.43 4.84
N SER A 38 17.54 31.30 7.00
CA SER A 38 17.72 31.19 8.45
C SER A 38 16.42 30.90 9.20
N THR A 39 15.29 30.94 8.50
CA THR A 39 14.01 30.70 9.13
C THR A 39 13.21 29.58 8.45
N LEU A 40 13.83 28.84 7.54
CA LEU A 40 13.13 27.74 6.87
C LEU A 40 12.51 26.79 7.89
N TYR A 41 11.22 26.50 7.70
CA TYR A 41 10.42 25.57 8.49
C TYR A 41 10.05 26.09 9.87
N ARG A 42 10.43 27.32 10.23
CA ARG A 42 10.09 27.90 11.52
C ARG A 42 9.20 29.13 11.39
N THR A 43 8.72 29.43 10.19
CA THR A 43 7.90 30.60 9.99
C THR A 43 6.58 30.17 9.39
N GLN A 44 5.48 30.59 9.99
CA GLN A 44 4.18 30.39 9.35
C GLN A 44 4.07 31.35 8.18
N SER A 45 3.67 30.82 7.02
CA SER A 45 3.39 31.65 5.86
C SER A 45 1.96 32.17 5.98
N SER A 46 1.55 33.01 5.04
CA SER A 46 0.22 33.59 5.09
C SER A 46 -0.88 32.62 4.67
N SER A 47 -0.55 31.50 4.02
CA SER A 47 -1.55 30.57 3.52
C SER A 47 -2.14 29.71 4.63
N ASN A 48 -3.42 29.40 4.49
CA ASN A 48 -4.14 28.52 5.40
C ASN A 48 -4.12 27.10 4.86
N PRO A 49 -4.50 26.12 5.68
CA PRO A 49 -4.49 24.72 5.20
C PRO A 49 -5.20 24.51 3.88
N ALA A 50 -6.35 25.15 3.65
CA ALA A 50 -7.08 24.95 2.40
C ALA A 50 -6.23 25.37 1.21
N GLU A 51 -5.57 26.52 1.30
CA GLU A 51 -4.72 26.98 0.21
C GLU A 51 -3.55 26.03 0.00
N LEU A 52 -2.92 25.59 1.08
CA LEU A 52 -1.79 24.68 0.97
C LEU A 52 -2.20 23.36 0.35
N ARG A 53 -3.39 22.85 0.71
CA ARG A 53 -3.89 21.63 0.10
C ARG A 53 -4.19 21.83 -1.38
N GLN A 54 -4.74 23.00 -1.73
CA GLN A 54 -4.88 23.37 -3.13
C GLN A 54 -3.57 23.11 -3.88
N LEU A 55 -2.45 23.49 -3.26
CA LEU A 55 -1.15 23.27 -3.89
C LEU A 55 -0.79 21.79 -3.94
N LEU A 56 -1.03 21.05 -2.85
CA LEU A 56 -0.71 19.62 -2.85
C LEU A 56 -1.68 18.78 -3.68
N ASP A 57 -2.73 19.37 -4.26
CA ASP A 57 -3.68 18.68 -5.12
C ASP A 57 -3.59 19.20 -6.54
N CYS A 58 -2.39 19.56 -6.96
CA CYS A 58 -2.16 20.18 -8.27
C CYS A 58 -2.87 21.54 -8.34
N LEU A 63 2.42 25.18 -11.71
CA LEU A 63 2.67 23.76 -11.89
C LEU A 63 4.07 23.39 -11.38
N ASP A 64 5.07 24.19 -11.74
CA ASP A 64 6.41 24.03 -11.20
C ASP A 64 6.47 24.65 -9.81
N LEU A 65 6.87 23.87 -8.81
CA LEU A 65 6.83 24.34 -7.44
C LEU A 65 7.87 25.42 -7.15
N GLU A 66 8.90 25.54 -7.99
CA GLU A 66 9.87 26.61 -7.83
C GLU A 66 9.25 27.99 -7.98
N MET A 67 8.05 28.07 -8.58
CA MET A 67 7.39 29.37 -8.74
C MET A 67 6.85 29.91 -7.44
N PHE A 68 6.75 29.08 -6.41
CA PHE A 68 6.10 29.47 -5.16
C PHE A 68 7.11 30.05 -4.18
N ASP A 69 6.61 30.91 -3.29
CA ASP A 69 7.41 31.41 -2.19
C ASP A 69 7.94 30.25 -1.36
N VAL A 70 9.23 30.31 -1.01
CA VAL A 70 9.86 29.20 -0.31
C VAL A 70 9.15 28.91 1.01
N HIS A 71 8.68 29.96 1.69
CA HIS A 71 7.99 29.75 2.95
C HIS A 71 6.64 29.08 2.75
N VAL A 72 6.02 29.26 1.59
CA VAL A 72 4.79 28.54 1.27
C VAL A 72 5.10 27.07 1.00
N LEU A 73 6.21 26.80 0.31
CA LEU A 73 6.61 25.42 0.09
C LEU A 73 6.90 24.71 1.42
N ALA A 74 7.60 25.40 2.33
CA ALA A 74 7.87 24.80 3.63
C ALA A 74 6.59 24.45 4.36
N ASP A 75 5.57 25.33 4.28
CA ASP A 75 4.31 25.05 4.94
C ASP A 75 3.56 23.91 4.26
N ALA A 76 3.63 23.83 2.94
CA ALA A 76 3.01 22.72 2.23
C ALA A 76 3.69 21.40 2.58
N PHE A 77 5.00 21.43 2.79
CA PHE A 77 5.73 20.26 3.24
C PHE A 77 5.18 19.76 4.57
N LYS A 78 5.01 20.68 5.52
CA LYS A 78 4.40 20.31 6.81
C LYS A 78 2.97 19.84 6.62
N ARG A 79 2.20 20.58 5.83
CA ARG A 79 0.82 20.19 5.56
C ARG A 79 0.75 18.77 5.01
N TYR A 80 1.66 18.44 4.10
CA TYR A 80 1.70 17.10 3.52
C TYR A 80 1.87 16.04 4.60
N LEU A 81 2.84 16.22 5.50
CA LEU A 81 3.07 15.24 6.55
C LEU A 81 1.86 15.13 7.48
N LEU A 82 1.14 16.24 7.69
CA LEU A 82 -0.01 16.22 8.57
C LEU A 82 -1.23 15.57 7.92
N ASP A 83 -1.35 15.67 6.60
CA ASP A 83 -2.54 15.20 5.90
C ASP A 83 -2.43 13.75 5.44
N LEU A 84 -1.26 13.14 5.57
CA LEU A 84 -1.15 11.72 5.23
C LEU A 84 -2.16 10.93 6.06
N PRO A 85 -2.95 10.04 5.45
CA PRO A 85 -3.92 9.28 6.25
C PRO A 85 -3.28 8.57 7.42
N ASN A 86 -2.09 8.00 7.21
CA ASN A 86 -1.29 7.42 8.27
C ASN A 86 0.08 8.10 8.30
N PRO A 87 0.62 8.37 9.49
CA PRO A 87 1.89 9.11 9.56
C PRO A 87 3.04 8.30 8.99
N VAL A 88 4.12 9.02 8.67
CA VAL A 88 5.30 8.40 8.09
C VAL A 88 5.76 7.24 8.97
N ILE A 89 5.73 7.42 10.29
CA ILE A 89 6.03 6.36 11.24
C ILE A 89 4.70 5.85 11.81
N PRO A 90 4.24 4.68 11.43
CA PRO A 90 2.89 4.24 11.81
C PRO A 90 2.67 4.21 13.32
N VAL A 91 1.38 4.32 13.69
CA VAL A 91 1.00 4.38 15.10
C VAL A 91 1.45 3.16 15.86
N ALA A 92 1.38 1.98 15.25
CA ALA A 92 1.84 0.77 15.94
C ALA A 92 3.29 0.91 16.36
N VAL A 93 4.14 1.47 15.50
CA VAL A 93 5.55 1.60 15.80
C VAL A 93 5.75 2.60 16.94
N SER A 94 5.15 3.78 16.82
CA SER A 94 5.28 4.78 17.87
C SER A 94 4.77 4.23 19.21
N SER A 95 3.63 3.54 19.18
CA SER A 95 3.07 2.98 20.40
C SER A 95 4.07 2.06 21.09
N GLU A 96 4.71 1.18 20.31
CA GLU A 96 5.66 0.25 20.91
C GLU A 96 6.87 0.99 21.48
N LEU A 97 7.42 1.94 20.73
CA LEU A 97 8.59 2.66 21.21
C LEU A 97 8.25 3.44 22.48
N ILE A 98 7.05 4.03 22.54
CA ILE A 98 6.66 4.81 23.70
C ILE A 98 6.46 3.92 24.92
N SER A 99 5.89 2.73 24.74
CA SER A 99 5.61 1.89 25.90
C SER A 99 6.89 1.32 26.49
N LEU A 100 7.97 1.27 25.71
CA LEU A 100 9.28 0.85 26.20
C LEU A 100 10.05 2.00 26.83
N ALA A 101 9.41 3.15 27.04
CA ALA A 101 10.16 4.36 27.38
C ALA A 101 10.80 4.28 28.76
N PRO A 102 10.09 3.93 29.83
CA PRO A 102 10.76 3.88 31.14
C PRO A 102 11.75 2.74 31.28
N GLU A 103 11.52 1.61 30.61
CA GLU A 103 12.35 0.43 30.84
C GLU A 103 13.61 0.44 29.99
N VAL A 104 13.57 1.06 28.82
CA VAL A 104 14.72 1.10 27.90
C VAL A 104 15.23 2.53 27.84
N GLN A 105 16.55 2.67 27.73
CA GLN A 105 17.18 3.99 27.70
C GLN A 105 18.16 4.11 26.53
N SER A 106 18.71 2.99 26.07
CA SER A 106 19.74 3.02 25.06
C SER A 106 19.21 3.58 23.75
N SER A 107 19.79 4.69 23.29
CA SER A 107 19.43 5.24 21.99
C SER A 107 19.75 4.25 20.87
N LYS A 108 20.87 3.54 20.97
CA LYS A 108 21.21 2.56 19.94
C LYS A 108 20.14 1.48 19.84
N GLU A 109 19.60 1.05 20.98
CA GLU A 109 18.56 0.02 20.97
C GLU A 109 17.28 0.55 20.33
N TYR A 110 16.85 1.76 20.72
CA TYR A 110 15.67 2.35 20.12
C TYR A 110 15.78 2.43 18.60
N ILE A 111 16.94 2.86 18.10
CA ILE A 111 17.13 2.99 16.66
C ILE A 111 17.02 1.63 15.99
N GLN A 112 17.74 0.63 16.52
CA GLN A 112 17.64 -0.72 16.00
C GLN A 112 16.19 -1.18 15.97
N LEU A 113 15.42 -0.85 17.02
CA LEU A 113 14.04 -1.30 17.10
C LEU A 113 13.14 -0.54 16.12
N LEU A 114 13.36 0.78 15.98
CA LEU A 114 12.59 1.55 15.01
C LEU A 114 12.74 0.95 13.61
N LYS A 115 13.97 0.66 13.20
CA LYS A 115 14.18 0.07 11.89
C LYS A 115 13.50 -1.29 11.78
N LYS A 116 13.63 -2.11 12.81
CA LYS A 116 13.01 -3.44 12.81
C LYS A 116 11.50 -3.34 12.69
N LEU A 117 10.89 -2.43 13.46
CA LEU A 117 9.44 -2.33 13.47
C LEU A 117 8.92 -1.78 12.15
N ILE A 118 9.55 -0.73 11.60
CA ILE A 118 9.01 -0.11 10.40
C ILE A 118 9.27 -0.96 9.17
N ARG A 119 10.29 -1.81 9.19
CA ARG A 119 10.53 -2.77 8.11
C ARG A 119 9.63 -4.00 8.21
N SER A 120 8.69 -4.04 9.16
CA SER A 120 7.83 -5.20 9.34
C SER A 120 7.12 -5.57 8.04
N PRO A 121 6.89 -6.86 7.77
CA PRO A 121 6.11 -7.22 6.56
C PRO A 121 4.69 -6.73 6.59
N SER A 122 4.13 -6.43 7.77
CA SER A 122 2.79 -5.89 7.89
C SER A 122 2.69 -4.43 7.51
N ILE A 123 3.80 -3.76 7.25
CA ILE A 123 3.83 -2.34 6.95
C ILE A 123 4.39 -2.18 5.55
N PRO A 124 3.67 -1.52 4.62
CA PRO A 124 4.20 -1.35 3.27
C PRO A 124 5.59 -0.73 3.29
N HIS A 125 6.45 -1.24 2.40
CA HIS A 125 7.82 -0.75 2.32
C HIS A 125 7.90 0.75 2.06
N GLN A 126 6.82 1.35 1.52
CA GLN A 126 6.84 2.77 1.21
C GLN A 126 7.09 3.64 2.43
N TYR A 127 6.65 3.19 3.60
CA TYR A 127 6.81 4.01 4.81
C TYR A 127 8.28 4.18 5.16
N TRP A 128 9.03 3.08 5.22
CA TRP A 128 10.46 3.16 5.50
C TRP A 128 11.20 3.89 4.38
N LEU A 129 10.77 3.68 3.13
CA LEU A 129 11.40 4.39 2.02
C LEU A 129 11.19 5.90 2.15
N THR A 130 9.97 6.31 2.49
CA THR A 130 9.69 7.73 2.66
C THR A 130 10.49 8.30 3.83
N LEU A 131 10.58 7.57 4.94
CA LEU A 131 11.35 8.04 6.07
C LEU A 131 12.81 8.23 5.69
N GLN A 132 13.38 7.26 4.95
CA GLN A 132 14.75 7.41 4.48
C GLN A 132 14.92 8.66 3.62
N TYR A 133 13.98 8.89 2.72
CA TYR A 133 14.05 10.09 1.87
C TYR A 133 14.01 11.35 2.72
N LEU A 134 13.11 11.38 3.72
CA LEU A 134 13.03 12.55 4.58
C LEU A 134 14.31 12.75 5.38
N LEU A 135 14.85 11.67 5.96
CA LEU A 135 16.09 11.78 6.70
C LEU A 135 17.22 12.31 5.82
N LYS A 136 17.26 11.88 4.57
CA LYS A 136 18.26 12.41 3.64
C LYS A 136 18.09 13.92 3.45
N HIS A 137 16.85 14.37 3.30
CA HIS A 137 16.58 15.80 3.20
C HIS A 137 17.03 16.54 4.46
N PHE A 138 16.61 16.03 5.63
CA PHE A 138 16.96 16.69 6.88
C PHE A 138 18.48 16.76 7.07
N PHE A 139 19.20 15.71 6.66
CA PHE A 139 20.65 15.73 6.78
C PHE A 139 21.26 16.77 5.84
N LYS A 140 20.76 16.84 4.60
CA LYS A 140 21.23 17.86 3.66
C LYS A 140 21.10 19.25 4.26
N LEU A 141 19.98 19.53 4.93
CA LEU A 141 19.80 20.81 5.57
C LEU A 141 20.83 21.05 6.66
N SER A 142 21.12 20.01 7.46
CA SER A 142 22.03 20.16 8.59
C SER A 142 23.46 20.45 8.16
N GLN A 143 23.82 20.18 6.90
CA GLN A 143 25.17 20.45 6.43
C GLN A 143 25.39 21.93 6.16
N THR A 144 24.33 22.73 6.09
CA THR A 144 24.42 24.19 6.03
C THR A 144 23.80 24.81 7.27
N SER A 145 23.92 24.12 8.41
CA SER A 145 23.28 24.58 9.64
C SER A 145 23.83 25.93 10.09
N SER A 146 25.10 26.21 9.80
CA SER A 146 25.68 27.50 10.16
C SER A 146 24.92 28.67 9.55
N LYS A 147 24.17 28.43 8.47
CA LYS A 147 23.42 29.47 7.79
C LYS A 147 21.92 29.37 7.99
N ASN A 148 21.35 28.17 7.94
CA ASN A 148 19.92 28.02 8.16
C ASN A 148 19.56 27.69 9.61
N LEU A 149 20.57 27.45 10.45
CA LEU A 149 20.39 27.19 11.88
C LEU A 149 19.64 25.90 12.15
N LEU A 150 19.48 25.03 11.15
CA LEU A 150 18.80 23.76 11.32
C LEU A 150 19.87 22.69 11.50
N ASN A 151 20.07 22.26 12.74
CA ASN A 151 20.90 21.10 13.03
C ASN A 151 20.01 19.91 13.33
N ALA A 152 20.65 18.75 13.48
CA ALA A 152 19.88 17.52 13.68
C ALA A 152 18.92 17.66 14.85
N ARG A 153 19.36 18.33 15.93
CA ARG A 153 18.51 18.46 17.10
C ARG A 153 17.29 19.32 16.80
N VAL A 154 17.51 20.49 16.19
CA VAL A 154 16.39 21.37 15.86
C VAL A 154 15.46 20.71 14.86
N LEU A 155 16.03 20.05 13.83
CA LEU A 155 15.20 19.37 12.85
C LEU A 155 14.36 18.28 13.52
N SER A 156 14.93 17.56 14.48
CA SER A 156 14.20 16.52 15.18
C SER A 156 13.04 17.10 15.98
N GLU A 157 13.27 18.22 16.67
CA GLU A 157 12.19 18.81 17.46
C GLU A 157 11.07 19.35 16.58
N LEU A 158 11.40 19.86 15.40
CA LEU A 158 10.35 20.39 14.52
C LEU A 158 9.50 19.27 13.92
N PHE A 159 10.14 18.20 13.45
CA PHE A 159 9.48 17.25 12.56
C PHE A 159 9.09 15.94 13.21
N SER A 160 9.72 15.54 14.31
CA SER A 160 9.29 14.35 15.03
C SER A 160 7.80 14.36 15.32
N PRO A 161 7.19 15.44 15.81
CA PRO A 161 5.73 15.42 16.01
C PRO A 161 4.93 15.21 14.74
N LEU A 162 5.50 15.54 13.58
CA LEU A 162 4.80 15.29 12.32
C LEU A 162 5.04 13.87 11.80
N LEU A 163 6.25 13.34 12.00
CA LEU A 163 6.55 11.98 11.55
C LEU A 163 5.83 10.95 12.43
N PHE A 164 5.85 11.15 13.74
CA PHE A 164 5.18 10.28 14.69
C PHE A 164 3.72 10.63 14.88
N ARG A 165 3.37 11.90 14.67
CA ARG A 165 2.00 12.39 14.88
C ARG A 165 1.58 12.28 16.35
N PHE A 166 2.31 12.99 17.19
CA PHE A 166 2.05 13.07 18.62
C PHE A 166 1.98 14.56 18.98
N PRO A 167 0.93 15.01 19.68
CA PRO A 167 0.92 16.42 20.09
C PRO A 167 2.05 16.76 21.05
N GLU A 172 8.25 14.48 27.53
CA GLU A 172 7.68 13.44 28.38
C GLU A 172 8.14 12.06 27.89
N ASN A 173 7.21 11.26 27.39
CA ASN A 173 7.58 9.99 26.77
C ASN A 173 8.25 10.23 25.43
N THR A 174 7.83 11.26 24.71
CA THR A 174 8.31 11.54 23.36
C THR A 174 9.81 11.82 23.32
N GLU A 175 10.37 12.37 24.39
CA GLU A 175 11.78 12.75 24.37
C GLU A 175 12.69 11.66 23.84
N HIS A 176 12.35 10.39 24.08
CA HIS A 176 13.15 9.30 23.52
C HIS A 176 12.97 9.22 22.01
N LEU A 177 11.76 9.47 21.52
CA LEU A 177 11.50 9.45 20.09
C LEU A 177 12.26 10.56 19.38
N ILE A 178 12.16 11.79 19.89
CA ILE A 178 12.90 12.92 19.32
C ILE A 178 14.38 12.59 19.23
N LYS A 179 14.92 11.93 20.26
CA LYS A 179 16.34 11.62 20.26
C LYS A 179 16.68 10.67 19.13
N ILE A 180 15.78 9.74 18.79
CA ILE A 180 16.05 8.79 17.73
C ILE A 180 16.17 9.49 16.39
N ILE A 181 15.25 10.43 16.12
CA ILE A 181 15.29 11.17 14.87
C ILE A 181 16.55 12.01 14.77
N GLU A 182 16.93 12.69 15.86
CA GLU A 182 18.16 13.46 15.86
C GLU A 182 19.35 12.59 15.44
N ILE A 183 19.51 11.44 16.08
CA ILE A 183 20.64 10.57 15.77
C ILE A 183 20.54 10.06 14.34
N LEU A 184 19.34 9.71 13.90
CA LEU A 184 19.17 9.17 12.56
C LEU A 184 19.46 10.24 11.50
N ILE A 185 19.17 11.50 11.79
CA ILE A 185 19.56 12.58 10.88
C ILE A 185 21.08 12.69 10.83
N SER A 186 21.73 12.66 12.00
CA SER A 186 23.16 12.91 12.07
C SER A 186 23.97 11.81 11.40
N THR A 187 23.43 10.59 11.33
CA THR A 187 24.20 9.45 10.83
C THR A 187 23.71 8.99 9.46
N GLU A 188 23.60 9.93 8.52
CA GLU A 188 23.16 9.59 7.16
C GLU A 188 24.35 9.40 6.22
N SER B 4 5.90 -16.96 -1.83
CA SER B 4 6.60 -16.89 -0.54
C SER B 4 7.43 -15.61 -0.49
N THR B 5 8.25 -15.40 -1.51
CA THR B 5 8.98 -14.15 -1.67
C THR B 5 8.14 -13.10 -2.39
N LEU B 6 6.90 -13.42 -2.69
CA LEU B 6 6.03 -12.52 -3.45
C LEU B 6 5.72 -11.29 -2.60
N PRO B 7 6.00 -10.08 -3.07
CA PRO B 7 5.73 -8.90 -2.24
C PRO B 7 4.24 -8.67 -2.01
N ASP B 8 3.95 -7.90 -0.98
CA ASP B 8 2.58 -7.48 -0.72
C ASP B 8 2.01 -6.77 -1.94
N LEU B 9 0.70 -6.92 -2.15
CA LEU B 9 0.04 -6.23 -3.26
C LEU B 9 0.35 -4.75 -3.22
N ALA B 10 0.37 -4.15 -2.03
CA ALA B 10 0.59 -2.71 -1.93
C ALA B 10 2.00 -2.31 -2.35
N GLU B 11 2.94 -3.25 -2.41
CA GLU B 11 4.30 -2.97 -2.84
C GLU B 11 4.55 -3.36 -4.30
N GLN B 12 3.63 -4.06 -4.94
CA GLN B 12 3.85 -4.51 -6.31
C GLN B 12 3.47 -3.45 -7.34
N PHE B 13 2.64 -2.49 -6.98
CA PHE B 13 2.25 -1.42 -7.89
C PHE B 13 1.55 -0.34 -7.08
N ALA B 14 1.29 0.79 -7.73
CA ALA B 14 0.56 1.89 -7.11
C ALA B 14 -0.20 2.62 -8.21
N PRO B 15 -1.32 3.27 -7.86
CA PRO B 15 -1.97 4.15 -8.84
C PRO B 15 -0.96 5.08 -9.47
N PRO B 16 -1.13 5.44 -10.76
CA PRO B 16 -2.29 5.18 -11.63
C PRO B 16 -2.33 3.79 -12.27
N ASP B 17 -1.32 2.95 -12.04
CA ASP B 17 -1.40 1.57 -12.50
C ASP B 17 -2.60 0.89 -11.87
N VAL B 18 -3.19 -0.06 -12.61
CA VAL B 18 -4.47 -0.63 -12.22
C VAL B 18 -4.36 -2.00 -11.59
N ALA B 19 -3.21 -2.66 -11.69
CA ALA B 19 -3.04 -4.00 -11.15
C ALA B 19 -1.56 -4.33 -11.15
N PRO B 20 -1.13 -5.33 -10.39
CA PRO B 20 0.28 -5.72 -10.39
C PRO B 20 0.73 -6.09 -11.78
N PRO B 21 1.90 -5.63 -12.22
CA PRO B 21 2.34 -5.93 -13.59
C PRO B 21 2.47 -7.42 -13.86
N LEU B 22 2.88 -8.21 -12.87
CA LEU B 22 2.98 -9.65 -13.08
C LEU B 22 1.59 -10.27 -13.26
N LEU B 23 0.61 -9.82 -12.49
CA LEU B 23 -0.74 -10.34 -12.64
C LEU B 23 -1.33 -9.97 -14.00
N ILE B 24 -1.00 -8.79 -14.52
CA ILE B 24 -1.45 -8.40 -15.85
C ILE B 24 -0.87 -9.35 -16.90
N LYS B 25 0.43 -9.65 -16.80
CA LYS B 25 1.05 -10.57 -17.76
C LYS B 25 0.37 -11.93 -17.73
N LEU B 26 0.13 -12.47 -16.53
CA LEU B 26 -0.54 -13.75 -16.40
C LEU B 26 -1.93 -13.71 -17.02
N VAL B 27 -2.74 -12.73 -16.63
CA VAL B 27 -4.13 -12.67 -17.08
C VAL B 27 -4.17 -12.53 -18.60
N GLU B 28 -3.36 -11.62 -19.15
CA GLU B 28 -3.41 -11.37 -20.59
C GLU B 28 -2.93 -12.58 -21.36
N ALA B 29 -1.89 -13.26 -20.87
CA ALA B 29 -1.42 -14.48 -21.53
C ALA B 29 -2.49 -15.56 -21.48
N ILE B 30 -3.12 -15.73 -20.32
CA ILE B 30 -4.15 -16.76 -20.17
C ILE B 30 -5.35 -16.47 -21.07
N GLU B 31 -5.76 -15.19 -21.14
CA GLU B 31 -6.89 -14.85 -21.99
C GLU B 31 -6.56 -15.03 -23.46
N LYS B 32 -5.31 -14.78 -23.85
CA LYS B 32 -4.94 -14.95 -25.25
C LYS B 32 -4.95 -16.41 -25.65
N LYS B 33 -4.52 -17.30 -24.75
CA LYS B 33 -4.31 -18.70 -25.10
C LYS B 33 -5.42 -19.63 -24.61
N GLY B 34 -6.20 -19.22 -23.61
CA GLY B 34 -7.13 -20.14 -22.98
C GLY B 34 -8.54 -19.64 -22.80
N LEU B 35 -8.91 -18.53 -23.46
CA LEU B 35 -10.23 -17.97 -23.24
C LEU B 35 -11.34 -18.97 -23.54
N GLU B 36 -11.10 -19.92 -24.43
CA GLU B 36 -12.13 -20.84 -24.87
C GLU B 36 -11.86 -22.27 -24.40
N CSO B 37 -10.88 -22.42 -23.52
CA CSO B 37 -10.46 -23.74 -23.06
CB CSO B 37 -9.06 -23.66 -22.45
SG CSO B 37 -8.61 -25.18 -21.61
C CSO B 37 -11.48 -24.25 -22.04
O CSO B 37 -11.74 -23.60 -21.02
OD CSO B 37 -7.42 -26.11 -22.56
H CSO B 37 -10.42 -21.77 -23.18
HA CSO B 37 -10.42 -24.38 -23.80
HB2 CSO B 37 -9.03 -22.94 -21.81
HB3 CSO B 37 -8.41 -23.51 -23.16
HD CSO B 37 -6.96 -26.74 -22.00
N SER B 38 -12.07 -25.42 -22.32
CA SER B 38 -13.18 -25.94 -21.53
C SER B 38 -12.76 -26.52 -20.19
N THR B 39 -11.45 -26.61 -19.96
CA THR B 39 -10.92 -27.11 -18.70
C THR B 39 -10.01 -26.10 -18.01
N LEU B 40 -9.95 -24.86 -18.50
CA LEU B 40 -9.14 -23.84 -17.86
C LEU B 40 -9.52 -23.72 -16.39
N TYR B 41 -8.51 -23.78 -15.52
CA TYR B 41 -8.64 -23.62 -14.08
C TYR B 41 -9.29 -24.82 -13.41
N ARG B 42 -9.61 -25.87 -14.16
CA ARG B 42 -10.22 -27.06 -13.59
C ARG B 42 -9.34 -28.30 -13.72
N THR B 43 -8.14 -28.17 -14.26
CA THR B 43 -7.17 -29.26 -14.37
C THR B 43 -5.80 -28.79 -13.91
N GLN B 44 -5.17 -29.56 -13.04
CA GLN B 44 -3.80 -29.31 -12.60
C GLN B 44 -2.78 -29.68 -13.68
N SER B 45 -1.76 -28.83 -13.83
CA SER B 45 -0.63 -29.14 -14.72
C SER B 45 0.40 -29.99 -13.99
N SER B 46 1.45 -30.38 -14.72
CA SER B 46 2.49 -31.24 -14.16
C SER B 46 3.48 -30.51 -13.26
N SER B 47 3.51 -29.18 -13.31
CA SER B 47 4.49 -28.43 -12.52
C SER B 47 4.09 -28.40 -11.05
N ASN B 48 5.09 -28.44 -10.18
CA ASN B 48 4.87 -28.35 -8.74
C ASN B 48 5.01 -26.91 -8.27
N PRO B 49 4.58 -26.62 -7.04
CA PRO B 49 4.67 -25.23 -6.55
C PRO B 49 6.03 -24.58 -6.73
N ALA B 50 7.12 -25.30 -6.49
CA ALA B 50 8.44 -24.72 -6.64
C ALA B 50 8.68 -24.25 -8.07
N GLU B 51 8.31 -25.09 -9.04
CA GLU B 51 8.48 -24.71 -10.44
C GLU B 51 7.62 -23.51 -10.80
N LEU B 52 6.37 -23.48 -10.33
CA LEU B 52 5.48 -22.36 -10.63
C LEU B 52 6.01 -21.06 -10.05
N ARG B 53 6.60 -21.12 -8.84
CA ARG B 53 7.18 -19.92 -8.25
C ARG B 53 8.39 -19.44 -9.04
N GLN B 54 9.21 -20.37 -9.53
CA GLN B 54 10.32 -19.99 -10.40
C GLN B 54 9.83 -19.17 -11.58
N LEU B 55 8.65 -19.51 -12.11
CA LEU B 55 8.09 -18.76 -13.23
C LEU B 55 7.73 -17.34 -12.81
N LEU B 56 7.21 -17.17 -11.60
CA LEU B 56 6.81 -15.86 -11.10
C LEU B 56 7.99 -14.91 -10.85
N ASP B 57 9.23 -15.33 -11.12
CA ASP B 57 10.40 -14.45 -11.02
C ASP B 57 11.01 -14.15 -12.39
N CYS B 58 11.45 -15.17 -13.13
CA CYS B 58 12.15 -14.98 -14.40
C CYS B 58 11.36 -14.09 -15.36
N LEU B 63 11.06 -13.54 -19.36
CA LEU B 63 10.53 -14.11 -20.60
C LEU B 63 9.08 -13.69 -20.80
N ASP B 64 8.59 -13.88 -22.03
CA ASP B 64 7.18 -13.65 -22.34
C ASP B 64 6.36 -14.85 -21.88
N LEU B 65 5.34 -14.60 -21.07
CA LEU B 65 4.57 -15.69 -20.49
C LEU B 65 3.75 -16.44 -21.54
N GLU B 66 3.52 -15.84 -22.72
CA GLU B 66 2.84 -16.56 -23.78
C GLU B 66 3.61 -17.80 -24.23
N MET B 67 4.90 -17.88 -23.88
CA MET B 67 5.71 -19.04 -24.26
C MET B 67 5.34 -20.29 -23.46
N PHE B 68 4.62 -20.14 -22.36
CA PHE B 68 4.35 -21.26 -21.47
C PHE B 68 3.04 -21.94 -21.82
N ASP B 69 2.96 -23.23 -21.47
CA ASP B 69 1.73 -23.98 -21.58
C ASP B 69 0.61 -23.28 -20.80
N VAL B 70 -0.56 -23.17 -21.43
CA VAL B 70 -1.65 -22.41 -20.81
C VAL B 70 -2.02 -23.02 -19.47
N HIS B 71 -1.95 -24.35 -19.35
CA HIS B 71 -2.28 -24.99 -18.08
C HIS B 71 -1.25 -24.68 -17.01
N VAL B 72 0.00 -24.42 -17.41
CA VAL B 72 1.00 -23.98 -16.44
C VAL B 72 0.70 -22.55 -16.01
N LEU B 73 0.32 -21.68 -16.95
CA LEU B 73 -0.05 -20.31 -16.61
C LEU B 73 -1.24 -20.30 -15.66
N ALA B 74 -2.25 -21.13 -15.93
CA ALA B 74 -3.41 -21.21 -15.05
C ALA B 74 -3.01 -21.61 -13.64
N ASP B 75 -2.10 -22.58 -13.52
CA ASP B 75 -1.64 -22.99 -12.19
C ASP B 75 -0.79 -21.91 -11.54
N ALA B 76 0.04 -21.22 -12.32
CA ALA B 76 0.82 -20.11 -11.78
C ALA B 76 -0.08 -18.98 -11.31
N PHE B 77 -1.19 -18.76 -12.02
CA PHE B 77 -2.19 -17.79 -11.60
C PHE B 77 -2.72 -18.12 -10.21
N LYS B 78 -3.10 -19.38 -10.00
CA LYS B 78 -3.54 -19.80 -8.67
C LYS B 78 -2.40 -19.68 -7.66
N ARG B 79 -1.20 -20.13 -8.05
CA ARG B 79 -0.05 -20.01 -7.16
C ARG B 79 0.18 -18.57 -6.72
N TYR B 80 0.02 -17.62 -7.65
CA TYR B 80 0.21 -16.21 -7.33
C TYR B 80 -0.75 -15.77 -6.22
N LEU B 81 -2.04 -16.09 -6.38
CA LEU B 81 -3.02 -15.69 -5.38
C LEU B 81 -2.73 -16.33 -4.03
N LEU B 82 -2.18 -17.55 -4.02
CA LEU B 82 -1.90 -18.24 -2.77
C LEU B 82 -0.66 -17.70 -2.08
N ASP B 83 0.32 -17.19 -2.84
CA ASP B 83 1.60 -16.76 -2.28
C ASP B 83 1.61 -15.29 -1.87
N LEU B 84 0.57 -14.53 -2.18
CA LEU B 84 0.49 -13.17 -1.70
C LEU B 84 0.59 -13.16 -0.18
N PRO B 85 1.44 -12.31 0.42
CA PRO B 85 1.53 -12.31 1.89
C PRO B 85 0.19 -12.13 2.57
N ASN B 86 -0.65 -11.25 2.03
CA ASN B 86 -2.03 -11.10 2.45
C ASN B 86 -2.95 -11.33 1.26
N PRO B 87 -4.06 -12.02 1.44
CA PRO B 87 -4.92 -12.35 0.29
C PRO B 87 -5.57 -11.10 -0.31
N VAL B 88 -6.04 -11.25 -1.54
CA VAL B 88 -6.66 -10.14 -2.25
C VAL B 88 -7.73 -9.49 -1.40
N ILE B 89 -8.52 -10.30 -0.69
CA ILE B 89 -9.50 -9.78 0.27
C ILE B 89 -8.90 -9.96 1.65
N PRO B 90 -8.40 -8.90 2.29
CA PRO B 90 -7.68 -9.08 3.55
C PRO B 90 -8.53 -9.75 4.61
N VAL B 91 -7.86 -10.39 5.56
CA VAL B 91 -8.56 -11.14 6.60
C VAL B 91 -9.47 -10.21 7.39
N ALA B 92 -9.04 -8.96 7.59
CA ALA B 92 -9.86 -7.99 8.30
C ALA B 92 -11.24 -7.88 7.67
N VAL B 93 -11.30 -7.84 6.34
CA VAL B 93 -12.58 -7.73 5.65
C VAL B 93 -13.38 -9.01 5.80
N SER B 94 -12.76 -10.16 5.48
CA SER B 94 -13.48 -11.43 5.58
C SER B 94 -13.98 -11.68 7.00
N SER B 95 -13.17 -11.37 8.01
CA SER B 95 -13.58 -11.59 9.39
C SER B 95 -14.90 -10.88 9.68
N GLU B 96 -15.02 -9.62 9.26
CA GLU B 96 -16.26 -8.88 9.49
C GLU B 96 -17.42 -9.47 8.68
N LEU B 97 -17.19 -9.81 7.41
CA LEU B 97 -18.26 -10.33 6.58
C LEU B 97 -18.81 -11.65 7.14
N ILE B 98 -17.92 -12.51 7.66
CA ILE B 98 -18.36 -13.79 8.19
C ILE B 98 -19.19 -13.59 9.46
N SER B 99 -18.85 -12.57 10.26
CA SER B 99 -19.51 -12.29 11.52
C SER B 99 -20.94 -11.76 11.36
N LEU B 100 -21.38 -11.46 10.15
CA LEU B 100 -22.69 -10.84 9.97
C LEU B 100 -23.83 -11.81 10.28
N ALA B 101 -24.84 -11.29 10.97
CA ALA B 101 -25.95 -12.08 11.49
C ALA B 101 -26.84 -12.55 10.35
N PRO B 102 -27.76 -13.48 10.62
CA PRO B 102 -28.68 -13.93 9.56
C PRO B 102 -29.70 -12.89 9.15
N GLU B 103 -30.02 -11.92 10.03
CA GLU B 103 -30.96 -10.87 9.67
C GLU B 103 -30.48 -10.07 8.47
N VAL B 104 -29.18 -10.06 8.20
CA VAL B 104 -28.65 -9.49 6.96
C VAL B 104 -28.78 -10.55 5.88
N GLN B 105 -29.98 -10.71 5.34
CA GLN B 105 -30.24 -11.68 4.29
C GLN B 105 -29.92 -11.16 2.90
N SER B 106 -29.42 -9.92 2.80
CA SER B 106 -29.33 -9.22 1.53
C SER B 106 -27.92 -9.34 0.96
N SER B 107 -27.82 -9.91 -0.24
CA SER B 107 -26.55 -9.89 -0.95
C SER B 107 -26.11 -8.46 -1.20
N LYS B 108 -27.07 -7.57 -1.47
CA LYS B 108 -26.75 -6.17 -1.68
C LYS B 108 -26.04 -5.58 -0.46
N GLU B 109 -26.48 -5.97 0.74
CA GLU B 109 -25.84 -5.49 1.96
C GLU B 109 -24.43 -6.04 2.09
N TYR B 110 -24.26 -7.35 1.88
CA TYR B 110 -22.93 -7.94 1.91
C TYR B 110 -21.98 -7.23 0.96
N ILE B 111 -22.45 -6.94 -0.26
CA ILE B 111 -21.61 -6.24 -1.24
C ILE B 111 -21.27 -4.85 -0.73
N GLN B 112 -22.28 -4.11 -0.26
CA GLN B 112 -22.05 -2.79 0.30
C GLN B 112 -20.97 -2.83 1.38
N LEU B 113 -21.02 -3.84 2.26
CA LEU B 113 -20.07 -3.89 3.36
C LEU B 113 -18.68 -4.26 2.87
N LEU B 114 -18.57 -5.21 1.94
CA LEU B 114 -17.26 -5.56 1.41
C LEU B 114 -16.59 -4.34 0.80
N LYS B 115 -17.32 -3.59 -0.03
CA LYS B 115 -16.76 -2.40 -0.65
C LYS B 115 -16.36 -1.37 0.40
N LYS B 116 -17.22 -1.13 1.38
CA LYS B 116 -16.91 -0.14 2.42
C LYS B 116 -15.66 -0.58 3.19
N LEU B 117 -15.59 -1.86 3.56
CA LEU B 117 -14.46 -2.34 4.34
C LEU B 117 -13.18 -2.36 3.52
N ILE B 118 -13.24 -2.85 2.27
CA ILE B 118 -12.02 -3.02 1.50
C ILE B 118 -11.50 -1.68 1.01
N ARG B 119 -12.38 -0.69 0.81
CA ARG B 119 -11.95 0.66 0.48
C ARG B 119 -11.48 1.43 1.71
N SER B 120 -11.45 0.80 2.87
CA SER B 120 -11.07 1.49 4.10
C SER B 120 -9.69 2.12 3.93
N PRO B 121 -9.46 3.29 4.54
CA PRO B 121 -8.10 3.87 4.49
C PRO B 121 -7.07 3.02 5.19
N SER B 122 -7.48 2.12 6.09
CA SER B 122 -6.54 1.21 6.73
C SER B 122 -6.07 0.10 5.82
N ILE B 123 -6.65 -0.02 4.63
CA ILE B 123 -6.30 -1.04 3.66
C ILE B 123 -5.83 -0.34 2.39
N PRO B 124 -4.62 -0.59 1.90
CA PRO B 124 -4.17 0.07 0.67
C PRO B 124 -5.13 -0.15 -0.49
N HIS B 125 -5.31 0.90 -1.29
CA HIS B 125 -6.22 0.85 -2.44
C HIS B 125 -5.86 -0.26 -3.41
N GLN B 126 -4.60 -0.74 -3.39
CA GLN B 126 -4.19 -1.78 -4.33
C GLN B 126 -5.02 -3.05 -4.19
N TYR B 127 -5.48 -3.36 -2.97
CA TYR B 127 -6.25 -4.59 -2.77
C TYR B 127 -7.56 -4.54 -3.53
N TRP B 128 -8.33 -3.46 -3.38
CA TRP B 128 -9.58 -3.32 -4.11
C TRP B 128 -9.32 -3.23 -5.61
N LEU B 129 -8.25 -2.56 -6.02
CA LEU B 129 -7.91 -2.49 -7.44
C LEU B 129 -7.59 -3.86 -8.00
N THR B 130 -6.83 -4.67 -7.26
CA THR B 130 -6.51 -6.02 -7.73
C THR B 130 -7.77 -6.86 -7.86
N LEU B 131 -8.67 -6.77 -6.88
CA LEU B 131 -9.92 -7.52 -6.95
C LEU B 131 -10.74 -7.12 -8.17
N GLN B 132 -10.83 -5.81 -8.45
CA GLN B 132 -11.54 -5.35 -9.63
C GLN B 132 -10.94 -5.94 -10.90
N TYR B 133 -9.61 -5.94 -11.00
CA TYR B 133 -8.96 -6.51 -12.18
C TYR B 133 -9.30 -7.98 -12.33
N LEU B 134 -9.27 -8.73 -11.22
CA LEU B 134 -9.61 -10.15 -11.28
C LEU B 134 -11.06 -10.35 -11.67
N LEU B 135 -11.97 -9.55 -11.10
CA LEU B 135 -13.38 -9.65 -11.47
C LEU B 135 -13.59 -9.40 -12.95
N LYS B 136 -12.85 -8.44 -13.52
CA LYS B 136 -12.94 -8.21 -14.96
C LYS B 136 -12.50 -9.45 -15.74
N HIS B 137 -11.42 -10.09 -15.30
CA HIS B 137 -10.97 -11.31 -15.93
C HIS B 137 -12.04 -12.39 -15.85
N PHE B 138 -12.57 -12.62 -14.65
CA PHE B 138 -13.59 -13.65 -14.48
C PHE B 138 -14.83 -13.35 -15.32
N PHE B 139 -15.20 -12.07 -15.43
CA PHE B 139 -16.35 -11.72 -16.25
C PHE B 139 -16.09 -12.01 -17.73
N LYS B 140 -14.92 -11.62 -18.23
CA LYS B 140 -14.58 -11.93 -19.61
C LYS B 140 -14.67 -13.42 -19.89
N LEU B 141 -14.20 -14.25 -18.95
CA LEU B 141 -14.30 -15.70 -19.11
C LEU B 141 -15.76 -16.13 -19.20
N SER B 142 -16.61 -15.59 -18.32
CA SER B 142 -18.00 -16.02 -18.28
C SER B 142 -18.77 -15.63 -19.54
N GLN B 143 -18.28 -14.65 -20.30
CA GLN B 143 -18.93 -14.25 -21.53
C GLN B 143 -18.62 -15.18 -22.70
N THR B 144 -17.66 -16.09 -22.55
CA THR B 144 -17.42 -17.16 -23.50
C THR B 144 -17.76 -18.51 -22.89
N SER B 145 -18.77 -18.53 -22.00
CA SER B 145 -19.13 -19.74 -21.29
C SER B 145 -19.61 -20.83 -22.22
N SER B 146 -20.21 -20.46 -23.35
CA SER B 146 -20.69 -21.47 -24.30
C SER B 146 -19.57 -22.38 -24.76
N LYS B 147 -18.32 -21.92 -24.66
CA LYS B 147 -17.16 -22.71 -25.07
C LYS B 147 -16.30 -23.18 -23.90
N ASN B 148 -16.06 -22.33 -22.90
CA ASN B 148 -15.22 -22.74 -21.78
C ASN B 148 -16.01 -23.31 -20.60
N LEU B 149 -17.33 -23.27 -20.65
CA LEU B 149 -18.21 -23.85 -19.64
C LEU B 149 -18.17 -23.14 -18.29
N LEU B 150 -17.58 -21.94 -18.22
CA LEU B 150 -17.43 -21.20 -16.96
C LEU B 150 -18.52 -20.15 -16.82
N ASN B 151 -19.40 -20.31 -15.83
CA ASN B 151 -20.30 -19.25 -15.43
C ASN B 151 -19.78 -18.56 -14.17
N ALA B 152 -20.41 -17.45 -13.81
CA ALA B 152 -19.94 -16.65 -12.69
C ALA B 152 -19.93 -17.45 -11.38
N ARG B 153 -20.94 -18.29 -11.17
CA ARG B 153 -21.02 -19.02 -9.91
C ARG B 153 -19.86 -20.00 -9.77
N VAL B 154 -19.57 -20.77 -10.82
CA VAL B 154 -18.47 -21.72 -10.75
C VAL B 154 -17.15 -21.00 -10.54
N LEU B 155 -16.95 -19.87 -11.22
CA LEU B 155 -15.75 -19.09 -11.02
C LEU B 155 -15.64 -18.61 -9.57
N SER B 156 -16.77 -18.24 -8.97
CA SER B 156 -16.74 -17.85 -7.56
C SER B 156 -16.36 -19.01 -6.67
N GLU B 157 -16.93 -20.19 -6.93
CA GLU B 157 -16.62 -21.37 -6.12
C GLU B 157 -15.18 -21.80 -6.31
N LEU B 158 -14.63 -21.64 -7.52
CA LEU B 158 -13.25 -22.02 -7.76
C LEU B 158 -12.27 -21.08 -7.07
N PHE B 159 -12.53 -19.76 -7.14
CA PHE B 159 -11.54 -18.78 -6.77
C PHE B 159 -11.79 -18.07 -5.45
N SER B 160 -13.02 -18.06 -4.95
CA SER B 160 -13.27 -17.49 -3.62
C SER B 160 -12.32 -18.03 -2.56
N PRO B 161 -12.07 -19.33 -2.46
CA PRO B 161 -11.10 -19.80 -1.45
C PRO B 161 -9.70 -19.24 -1.64
N LEU B 162 -9.35 -18.80 -2.85
CA LEU B 162 -8.07 -18.15 -3.08
C LEU B 162 -8.12 -16.65 -2.81
N LEU B 163 -9.26 -16.01 -3.09
CA LEU B 163 -9.38 -14.58 -2.82
C LEU B 163 -9.51 -14.29 -1.33
N PHE B 164 -10.29 -15.09 -0.61
CA PHE B 164 -10.49 -14.87 0.82
C PHE B 164 -9.44 -15.55 1.69
N ARG B 165 -8.99 -16.76 1.31
CA ARG B 165 -8.03 -17.51 2.09
C ARG B 165 -8.53 -17.65 3.53
N PHE B 166 -9.74 -18.17 3.69
CA PHE B 166 -10.35 -18.27 5.01
C PHE B 166 -10.84 -19.69 5.26
N PRO B 167 -10.32 -20.38 6.29
CA PRO B 167 -10.84 -21.71 6.63
C PRO B 167 -12.23 -21.77 7.24
N ALA B 168 -13.07 -20.75 7.05
CA ALA B 168 -14.41 -20.76 7.64
C ALA B 168 -15.08 -22.11 7.39
N ALA B 169 -15.84 -22.57 8.39
CA ALA B 169 -16.33 -23.94 8.42
C ALA B 169 -17.50 -24.20 7.48
N SER B 170 -17.87 -23.25 6.62
CA SER B 170 -18.95 -23.44 5.67
C SER B 170 -20.30 -23.29 6.37
N SER B 171 -21.11 -22.36 5.93
CA SER B 171 -22.34 -21.99 6.65
C SER B 171 -23.19 -21.14 5.73
N GLU B 172 -24.25 -20.56 6.28
CA GLU B 172 -25.02 -19.54 5.58
C GLU B 172 -24.17 -18.29 5.34
N ASN B 173 -23.12 -18.07 6.13
CA ASN B 173 -22.22 -16.96 5.88
C ASN B 173 -21.32 -17.22 4.69
N THR B 174 -20.74 -18.42 4.59
CA THR B 174 -19.84 -18.67 3.47
C THR B 174 -20.59 -18.64 2.14
N GLU B 175 -21.81 -19.19 2.13
CA GLU B 175 -22.63 -19.13 0.93
C GLU B 175 -22.83 -17.69 0.47
N HIS B 176 -22.91 -16.76 1.43
CA HIS B 176 -23.08 -15.35 1.08
C HIS B 176 -21.82 -14.78 0.45
N LEU B 177 -20.64 -15.16 0.95
CA LEU B 177 -19.40 -14.66 0.36
C LEU B 177 -19.24 -15.18 -1.06
N ILE B 178 -19.37 -16.49 -1.25
CA ILE B 178 -19.35 -17.05 -2.60
C ILE B 178 -20.40 -16.36 -3.46
N LYS B 179 -21.58 -16.09 -2.89
CA LYS B 179 -22.65 -15.49 -3.66
C LYS B 179 -22.32 -14.06 -4.11
N ILE B 180 -21.69 -13.26 -3.26
CA ILE B 180 -21.38 -11.89 -3.65
C ILE B 180 -20.29 -11.88 -4.71
N ILE B 181 -19.28 -12.74 -4.57
CA ILE B 181 -18.27 -12.84 -5.63
C ILE B 181 -18.94 -13.23 -6.93
N GLU B 182 -19.86 -14.20 -6.88
CA GLU B 182 -20.65 -14.56 -8.06
C GLU B 182 -21.32 -13.32 -8.65
N ILE B 183 -22.01 -12.55 -7.80
CA ILE B 183 -22.73 -11.38 -8.27
C ILE B 183 -21.76 -10.35 -8.82
N LEU B 184 -20.63 -10.14 -8.15
CA LEU B 184 -19.69 -9.12 -8.59
C LEU B 184 -19.04 -9.50 -9.92
N ILE B 185 -18.85 -10.80 -10.18
CA ILE B 185 -18.34 -11.22 -11.48
C ILE B 185 -19.36 -10.90 -12.57
N SER B 186 -20.62 -11.27 -12.35
CA SER B 186 -21.63 -11.13 -13.39
C SER B 186 -21.94 -9.67 -13.69
N THR B 187 -21.73 -8.77 -12.72
CA THR B 187 -22.13 -7.38 -12.87
C THR B 187 -20.94 -6.47 -13.06
N GLU B 188 -20.07 -6.81 -14.02
CA GLU B 188 -18.90 -5.99 -14.32
C GLU B 188 -19.13 -5.01 -15.46
N TRP B 189 -20.07 -5.30 -16.35
CA TRP B 189 -20.42 -4.37 -17.42
C TRP B 189 -21.71 -4.84 -18.11
S SO4 C . 20.71 -1.42 9.11
O1 SO4 C . 21.14 -1.11 7.76
O2 SO4 C . 21.60 -0.77 10.07
O3 SO4 C . 19.35 -0.93 9.32
O4 SO4 C . 20.74 -2.87 9.31
S SO4 D . 15.98 -1.79 3.44
O1 SO4 D . 16.42 -1.65 2.06
O2 SO4 D . 16.74 -0.85 4.28
O3 SO4 D . 14.56 -1.47 3.54
O4 SO4 D . 16.21 -3.15 3.91
S SO4 E . -12.87 3.18 -6.44
O1 SO4 E . -11.68 2.51 -6.97
O2 SO4 E . -12.79 4.61 -6.71
O3 SO4 E . -12.94 2.97 -4.99
O4 SO4 E . -14.07 2.62 -7.07
#